data_6X8S
#
_entry.id   6X8S
#
_cell.length_a   59.651
_cell.length_b   59.651
_cell.length_c   234.901
_cell.angle_alpha   90.000
_cell.angle_beta   90.000
_cell.angle_gamma   120.000
#
_symmetry.space_group_name_H-M   'P 32 2 1'
#
loop_
_entity.id
_entity.type
_entity.pdbx_description
1 polymer '3D11 Fab heavy chain'
2 polymer '3D11 Fab light chain'
3 polymer 'NAND peptide'
4 non-polymer 1,2-ETHANEDIOL
5 water water
#
loop_
_entity_poly.entity_id
_entity_poly.type
_entity_poly.pdbx_seq_one_letter_code
_entity_poly.pdbx_strand_id
1 'polypeptide(L)'
;QAYLQQSGAELVRSGASVKMSCKASGYTFTSYNMHWVKQTPGQGLEWIGYIYPGNGVTNFNQKFKGKATLTADTSSSTAY
MQISSLTSEDSAVYFCASAAYWGQGTLVTVSSASTKGPSVFPLAPSSKSTSGGTAALGCLVKDYFPEPVTVSWNSGALTS
GVHTFPAVLQSSGLYSLSSVVTVPSSSLGTQTYICNVNHKPSNTKVDKKVEPKSC
;
H
2 'polypeptide(L)'
;DVVMTQTPLTLSVTIGQPASISCKSSQSLLYSDGKTYLNWLLQRPGQSPKRLISLVSELDSGVPDRFTGSGSGTDFTLKI
SRVEAEDLGVYYCWQGTHFPRTFGGGTKLEIKRTVAAPSVFIFPPSDEQLKSGTASVVCLLNNFYPREAKVQWKVDNALQ
SGNSQESVTEQDSKDSTYSLSSTLTLSKADYEKHKVYACEVTHQGLSSPVTKSFNRGEC
;
L
3 'polypeptide(L)' PPPPNANDPPPPNAND P
#
loop_
_chem_comp.id
_chem_comp.type
_chem_comp.name
_chem_comp.formula
EDO non-polymer 1,2-ETHANEDIOL 'C2 H6 O2'
#
# COMPACT_ATOMS: atom_id res chain seq x y z
N TYR A 3 -1.47 -12.68 -15.88
CA TYR A 3 -0.89 -11.66 -15.04
C TYR A 3 0.59 -11.95 -14.70
N LEU A 4 1.15 -11.17 -13.80
CA LEU A 4 2.54 -11.33 -13.40
C LEU A 4 2.56 -11.56 -11.89
N GLN A 5 3.16 -12.67 -11.45
CA GLN A 5 3.14 -13.04 -10.03
C GLN A 5 4.57 -13.07 -9.55
N GLN A 6 4.92 -12.15 -8.66
CA GLN A 6 6.25 -12.05 -8.13
C GLN A 6 6.44 -12.87 -6.84
N SER A 7 7.71 -13.18 -6.58
CA SER A 7 8.06 -13.92 -5.38
C SER A 7 7.96 -12.99 -4.14
N GLY A 8 8.01 -13.60 -2.95
CA GLY A 8 7.73 -12.87 -1.73
C GLY A 8 8.89 -11.99 -1.25
N ALA A 9 8.62 -11.28 -0.17
CA ALA A 9 9.60 -10.34 0.40
C ALA A 9 10.87 -11.02 0.90
N GLU A 10 11.97 -10.27 0.94
CA GLU A 10 13.30 -10.81 1.20
C GLU A 10 14.02 -9.92 2.20
N LEU A 11 14.59 -10.52 3.22
CA LEU A 11 15.55 -9.86 4.10
C LEU A 11 16.94 -10.31 3.68
N VAL A 12 17.81 -9.38 3.34
CA VAL A 12 19.14 -9.77 2.88
CA VAL A 12 19.14 -9.68 2.78
C VAL A 12 20.19 -8.89 3.53
N ARG A 13 21.34 -9.50 3.80
CA ARG A 13 22.41 -8.83 4.52
C ARG A 13 23.12 -7.86 3.61
N SER A 14 23.67 -6.81 4.19
CA SER A 14 24.52 -5.94 3.41
C SER A 14 25.63 -6.74 2.77
N GLY A 15 25.88 -6.49 1.49
CA GLY A 15 26.97 -7.14 0.77
C GLY A 15 26.59 -8.44 0.10
N ALA A 16 25.43 -8.98 0.40
CA ALA A 16 25.00 -10.26 -0.14
C ALA A 16 24.18 -9.98 -1.40
N SER A 17 23.61 -11.03 -1.98
CA SER A 17 22.79 -10.90 -3.18
CA SER A 17 22.80 -10.91 -3.18
C SER A 17 21.37 -11.35 -2.93
N VAL A 18 20.48 -10.97 -3.84
CA VAL A 18 19.08 -11.39 -3.78
C VAL A 18 18.64 -11.87 -5.16
N LYS A 19 17.75 -12.86 -5.19
CA LYS A 19 17.24 -13.36 -6.45
C LYS A 19 15.74 -13.40 -6.32
N MET A 20 15.01 -12.80 -7.28
CA MET A 20 13.55 -12.76 -7.22
C MET A 20 13.01 -13.20 -8.57
N SER A 21 11.75 -13.60 -8.57
CA SER A 21 11.14 -14.19 -9.74
C SER A 21 9.85 -13.48 -10.11
N CYS A 22 9.43 -13.73 -11.35
CA CYS A 22 8.22 -13.12 -11.89
C CYS A 22 7.62 -14.16 -12.82
N LYS A 23 6.49 -14.78 -12.43
CA LYS A 23 5.88 -15.82 -13.25
C LYS A 23 4.79 -15.21 -14.12
N ALA A 24 4.86 -15.43 -15.43
CA ALA A 24 3.94 -14.83 -16.38
C ALA A 24 2.84 -15.77 -16.81
N SER A 25 1.66 -15.19 -17.04
CA SER A 25 0.56 -15.89 -17.69
C SER A 25 -0.38 -14.87 -18.34
N GLY A 26 -1.25 -15.35 -19.23
CA GLY A 26 -2.29 -14.54 -19.84
C GLY A 26 -1.86 -13.69 -21.02
N TYR A 27 -0.60 -13.79 -21.46
CA TYR A 27 -0.11 -13.13 -22.66
C TYR A 27 1.09 -13.96 -23.11
N THR A 28 1.61 -13.66 -24.31
CA THR A 28 2.72 -14.40 -24.87
C THR A 28 4.04 -13.86 -24.30
N PHE A 29 4.57 -14.59 -23.31
CA PHE A 29 5.79 -14.21 -22.58
C PHE A 29 6.95 -13.87 -23.52
N THR A 30 7.12 -14.62 -24.59
CA THR A 30 8.29 -14.43 -25.43
C THR A 30 8.11 -13.29 -26.44
N SER A 31 6.97 -12.61 -26.45
CA SER A 31 6.72 -11.58 -27.46
C SER A 31 6.95 -10.17 -26.98
N TYR A 32 7.26 -9.97 -25.69
CA TYR A 32 7.37 -8.63 -25.10
C TYR A 32 8.58 -8.58 -24.19
N ASN A 33 9.25 -7.43 -24.21
CA ASN A 33 10.31 -7.21 -23.23
C ASN A 33 9.77 -7.34 -21.80
N MET A 34 10.53 -8.03 -20.94
CA MET A 34 10.22 -8.13 -19.51
C MET A 34 11.10 -7.11 -18.80
N HIS A 35 10.46 -6.07 -18.26
CA HIS A 35 11.16 -4.99 -17.59
C HIS A 35 11.21 -5.23 -16.10
N TRP A 36 12.26 -4.68 -15.48
CA TRP A 36 12.34 -4.67 -14.03
C TRP A 36 12.55 -3.22 -13.60
N VAL A 37 11.82 -2.82 -12.55
CA VAL A 37 11.70 -1.40 -12.21
C VAL A 37 11.78 -1.29 -10.70
N LYS A 38 12.60 -0.36 -10.19
CA LYS A 38 12.74 -0.13 -8.76
C LYS A 38 11.85 1.04 -8.35
N GLN A 39 11.13 0.90 -7.25
CA GLN A 39 10.37 2.05 -6.77
C GLN A 39 11.04 2.54 -5.51
N THR A 40 11.39 3.82 -5.50
CA THR A 40 12.04 4.49 -4.37
C THR A 40 11.05 4.83 -3.25
N PRO A 41 11.54 5.12 -2.06
CA PRO A 41 10.61 5.50 -0.96
C PRO A 41 9.72 6.67 -1.33
N GLY A 42 10.24 7.65 -2.11
CA GLY A 42 9.42 8.77 -2.53
C GLY A 42 8.53 8.43 -3.72
N GLN A 43 8.52 7.16 -4.10
CA GLN A 43 7.63 6.62 -5.13
C GLN A 43 8.07 7.05 -6.51
N GLY A 44 9.31 7.45 -6.69
CA GLY A 44 9.79 7.47 -8.06
C GLY A 44 9.86 6.07 -8.64
N LEU A 45 9.86 5.93 -9.98
CA LEU A 45 10.10 4.64 -10.63
C LEU A 45 11.38 4.71 -11.43
N GLU A 46 12.25 3.73 -11.25
CA GLU A 46 13.58 3.73 -11.88
C GLU A 46 13.75 2.44 -12.65
N TRP A 47 14.00 2.56 -13.97
CA TRP A 47 14.13 1.36 -14.79
C TRP A 47 15.48 0.70 -14.55
N ILE A 48 15.48 -0.61 -14.33
CA ILE A 48 16.72 -1.37 -14.13
C ILE A 48 17.23 -1.95 -15.45
N GLY A 49 16.34 -2.59 -16.17
CA GLY A 49 16.74 -3.25 -17.42
C GLY A 49 15.60 -4.11 -17.93
N TYR A 50 15.81 -4.74 -19.08
CA TYR A 50 14.83 -5.70 -19.55
C TYR A 50 15.55 -6.92 -20.09
N ILE A 51 14.80 -8.02 -20.18
CA ILE A 51 15.21 -9.14 -21.02
C ILE A 51 14.07 -9.40 -21.97
N TYR A 52 14.43 -9.68 -23.24
CA TYR A 52 13.42 -10.08 -24.20
C TYR A 52 13.42 -11.61 -24.22
N PRO A 53 12.37 -12.27 -23.72
CA PRO A 53 12.47 -13.73 -23.61
C PRO A 53 12.51 -14.43 -24.94
N GLY A 54 12.12 -13.78 -26.04
CA GLY A 54 12.18 -14.44 -27.33
C GLY A 54 13.57 -14.84 -27.75
N ASN A 55 14.57 -14.07 -27.35
CA ASN A 55 15.94 -14.38 -27.74
C ASN A 55 16.97 -14.15 -26.64
N GLY A 56 16.54 -13.75 -25.44
CA GLY A 56 17.47 -13.64 -24.35
C GLY A 56 18.19 -12.33 -24.25
N VAL A 57 18.03 -11.41 -25.22
CA VAL A 57 18.80 -10.16 -25.21
C VAL A 57 18.38 -9.33 -24.00
N THR A 58 19.38 -8.76 -23.33
CA THR A 58 19.15 -7.84 -22.21
C THR A 58 19.70 -6.46 -22.51
N ASN A 59 19.07 -5.47 -21.88
CA ASN A 59 19.60 -4.11 -21.92
C ASN A 59 19.39 -3.52 -20.53
N PHE A 60 20.37 -2.75 -20.07
CA PHE A 60 20.41 -2.27 -18.69
C PHE A 60 20.58 -0.77 -18.61
N ASN A 61 20.03 -0.20 -17.54
CA ASN A 61 20.46 1.09 -17.05
C ASN A 61 21.91 1.00 -16.60
N GLN A 62 22.73 1.95 -17.06
CA GLN A 62 24.16 1.91 -16.72
C GLN A 62 24.38 1.90 -15.20
N LYS A 63 23.46 2.47 -14.43
CA LYS A 63 23.53 2.45 -12.97
C LYS A 63 23.53 1.03 -12.39
N PHE A 64 22.95 0.06 -13.08
CA PHE A 64 22.81 -1.31 -12.55
C PHE A 64 23.67 -2.32 -13.28
N LYS A 65 24.33 -1.93 -14.36
CA LYS A 65 25.21 -2.86 -15.06
C LYS A 65 26.28 -3.37 -14.10
N GLY A 66 26.51 -4.67 -14.11
CA GLY A 66 27.45 -5.23 -13.17
C GLY A 66 26.86 -5.49 -11.80
N LYS A 67 25.64 -5.04 -11.56
CA LYS A 67 24.93 -5.35 -10.34
C LYS A 67 23.75 -6.28 -10.57
N ALA A 68 23.03 -6.12 -11.68
CA ALA A 68 21.81 -6.86 -11.96
C ALA A 68 22.07 -7.90 -13.05
N THR A 69 21.49 -9.09 -12.88
CA THR A 69 21.50 -10.16 -13.87
C THR A 69 20.03 -10.49 -14.16
N LEU A 70 19.65 -10.56 -15.43
CA LEU A 70 18.25 -10.81 -15.81
C LEU A 70 18.24 -12.08 -16.64
N THR A 71 17.36 -13.02 -16.28
CA THR A 71 17.21 -14.24 -17.07
C THR A 71 15.73 -14.55 -17.28
N ALA A 72 15.50 -15.47 -18.24
CA ALA A 72 14.12 -15.83 -18.58
C ALA A 72 14.06 -17.30 -18.96
N ASP A 73 13.17 -18.04 -18.30
CA ASP A 73 12.98 -19.49 -18.50
C ASP A 73 11.72 -19.61 -19.34
N THR A 74 11.89 -19.89 -20.63
CA THR A 74 10.71 -19.92 -21.48
C THR A 74 9.89 -21.19 -21.25
N SER A 75 10.50 -22.24 -20.71
CA SER A 75 9.71 -23.44 -20.47
C SER A 75 8.73 -23.23 -19.31
N SER A 76 9.04 -22.37 -18.35
CA SER A 76 8.12 -22.12 -17.26
C SER A 76 7.54 -20.71 -17.28
N SER A 77 7.84 -19.93 -18.32
CA SER A 77 7.37 -18.55 -18.43
C SER A 77 7.70 -17.75 -17.18
N THR A 78 8.93 -17.88 -16.70
CA THR A 78 9.33 -17.19 -15.47
C THR A 78 10.55 -16.37 -15.74
N ALA A 79 10.52 -15.09 -15.32
CA ALA A 79 11.67 -14.21 -15.40
C ALA A 79 12.30 -14.07 -14.01
N TYR A 80 13.63 -13.87 -13.99
CA TYR A 80 14.36 -13.74 -12.73
C TYR A 80 15.23 -12.49 -12.77
N MET A 81 15.38 -11.89 -11.59
CA MET A 81 16.37 -10.83 -11.47
C MET A 81 17.24 -11.16 -10.27
N GLN A 82 18.58 -11.12 -10.45
CA GLN A 82 19.47 -11.18 -9.29
C GLN A 82 20.16 -9.83 -9.17
N ILE A 83 20.25 -9.32 -7.95
CA ILE A 83 21.05 -8.13 -7.70
C ILE A 83 22.10 -8.49 -6.69
N SER A 84 23.34 -8.11 -6.97
CA SER A 84 24.43 -8.47 -6.07
C SER A 84 24.93 -7.25 -5.31
N SER A 85 25.79 -7.52 -4.32
CA SER A 85 26.47 -6.44 -3.57
C SER A 85 25.50 -5.43 -2.97
N LEU A 86 24.48 -5.91 -2.25
CA LEU A 86 23.41 -5.03 -1.81
C LEU A 86 23.90 -4.01 -0.78
N THR A 87 23.39 -2.77 -0.89
CA THR A 87 23.63 -1.70 0.09
C THR A 87 22.29 -1.16 0.58
N SER A 88 22.34 -0.24 1.53
CA SER A 88 21.10 0.30 2.07
C SER A 88 20.24 0.92 0.99
N GLU A 89 20.86 1.47 -0.07
CA GLU A 89 20.05 2.06 -1.11
C GLU A 89 19.39 1.04 -2.00
N ASP A 90 19.65 -0.26 -1.81
CA ASP A 90 18.93 -1.29 -2.57
C ASP A 90 17.65 -1.79 -1.89
N SER A 91 17.36 -1.34 -0.66
CA SER A 91 16.06 -1.61 -0.06
C SER A 91 15.01 -0.84 -0.83
N ALA A 92 14.03 -1.56 -1.35
CA ALA A 92 13.05 -0.95 -2.23
C ALA A 92 12.05 -2.04 -2.55
N VAL A 93 10.94 -1.62 -3.16
CA VAL A 93 10.07 -2.54 -3.87
C VAL A 93 10.54 -2.66 -5.31
N TYR A 94 10.67 -3.88 -5.80
CA TYR A 94 11.05 -4.16 -7.18
C TYR A 94 9.86 -4.74 -7.93
N PHE A 95 9.57 -4.18 -9.13
CA PHE A 95 8.47 -4.67 -9.95
C PHE A 95 8.99 -5.29 -11.21
N CYS A 96 8.29 -6.27 -11.69
CA CYS A 96 8.44 -6.69 -13.09
C CYS A 96 7.25 -6.14 -13.90
N ALA A 97 7.45 -5.89 -15.20
CA ALA A 97 6.38 -5.31 -16.01
C ALA A 97 6.56 -5.81 -17.43
N SER A 98 5.45 -6.18 -18.09
CA SER A 98 5.55 -6.60 -19.48
C SER A 98 4.19 -6.45 -20.11
N ALA A 99 4.14 -6.05 -21.40
CA ALA A 99 2.84 -5.82 -22.09
C ALA A 99 2.02 -4.90 -21.19
N ALA A 100 0.73 -5.17 -20.96
CA ALA A 100 -0.07 -4.26 -20.15
C ALA A 100 0.00 -4.53 -18.65
N TYR A 101 0.88 -5.41 -18.20
CA TYR A 101 0.78 -5.89 -16.84
CA TYR A 101 0.82 -5.94 -16.85
C TYR A 101 2.00 -5.48 -16.02
N TRP A 102 1.78 -5.34 -14.71
CA TRP A 102 2.83 -5.14 -13.72
C TRP A 102 2.65 -6.19 -12.66
N GLY A 103 3.76 -6.71 -12.13
CA GLY A 103 3.69 -7.58 -10.95
C GLY A 103 3.29 -6.80 -9.71
N GLN A 104 3.11 -7.53 -8.62
CA GLN A 104 2.63 -6.87 -7.41
C GLN A 104 3.75 -6.29 -6.59
N GLY A 105 5.00 -6.54 -7.00
CA GLY A 105 6.17 -6.01 -6.30
C GLY A 105 6.74 -7.00 -5.30
N THR A 106 8.07 -6.93 -5.11
CA THR A 106 8.83 -7.72 -4.13
C THR A 106 9.58 -6.73 -3.27
N LEU A 107 9.29 -6.73 -1.97
CA LEU A 107 9.96 -5.79 -1.07
C LEU A 107 11.27 -6.41 -0.59
N VAL A 108 12.38 -5.71 -0.79
CA VAL A 108 13.68 -6.19 -0.37
C VAL A 108 14.14 -5.26 0.75
N THR A 109 14.52 -5.82 1.89
CA THR A 109 15.06 -5.06 3.00
C THR A 109 16.50 -5.48 3.18
N VAL A 110 17.44 -4.53 3.07
CA VAL A 110 18.84 -4.83 3.29
C VAL A 110 19.16 -4.49 4.74
N SER A 111 19.49 -5.51 5.53
CA SER A 111 19.69 -5.32 6.95
C SER A 111 20.45 -6.52 7.49
N SER A 112 21.34 -6.29 8.46
CA SER A 112 22.01 -7.37 9.15
C SER A 112 21.28 -7.83 10.39
N ALA A 113 20.13 -7.27 10.72
CA ALA A 113 19.40 -7.66 11.90
C ALA A 113 18.64 -8.95 11.65
N SER A 114 18.40 -9.70 12.71
CA SER A 114 17.65 -10.95 12.62
C SER A 114 16.17 -10.71 12.35
N THR A 115 15.57 -11.62 11.58
CA THR A 115 14.13 -11.50 11.42
C THR A 115 13.41 -11.78 12.73
N LYS A 116 12.21 -11.20 12.89
CA LYS A 116 11.39 -11.51 14.07
C LYS A 116 9.95 -11.58 13.65
N GLY A 117 9.25 -12.66 13.99
CA GLY A 117 7.88 -12.76 13.56
C GLY A 117 6.97 -12.04 14.56
N PRO A 118 5.76 -11.71 14.11
CA PRO A 118 4.84 -10.92 14.96
C PRO A 118 4.12 -11.71 16.05
N SER A 119 3.79 -10.99 17.14
CA SER A 119 2.75 -11.41 18.07
CA SER A 119 2.75 -11.42 18.06
C SER A 119 1.43 -10.82 17.61
N VAL A 120 0.36 -11.61 17.73
CA VAL A 120 -0.95 -11.19 17.24
C VAL A 120 -1.94 -11.20 18.41
N PHE A 121 -2.64 -10.07 18.59
CA PHE A 121 -3.55 -9.89 19.73
C PHE A 121 -4.90 -9.41 19.21
N PRO A 122 -5.98 -9.91 19.80
CA PRO A 122 -7.31 -9.47 19.36
C PRO A 122 -7.63 -8.06 19.81
N LEU A 123 -8.28 -7.31 18.90
CA LEU A 123 -8.96 -6.05 19.24
C LEU A 123 -10.44 -6.43 19.38
N ALA A 124 -10.85 -6.71 20.61
CA ALA A 124 -12.15 -7.38 20.81
C ALA A 124 -13.30 -6.37 20.70
N PRO A 125 -14.38 -6.70 19.98
CA PRO A 125 -15.54 -5.81 19.94
C PRO A 125 -16.29 -5.81 21.28
N SER A 126 -16.87 -4.66 21.61
CA SER A 126 -17.61 -4.50 22.86
C SER A 126 -18.53 -3.31 22.67
N SER A 127 -19.26 -2.96 23.74
CA SER A 127 -20.02 -1.72 23.68
CA SER A 127 -20.02 -1.72 23.69
C SER A 127 -19.12 -0.52 23.43
N LYS A 128 -17.84 -0.63 23.79
CA LYS A 128 -16.97 0.50 23.57
C LYS A 128 -16.52 0.61 22.12
N SER A 129 -16.78 -0.42 21.29
CA SER A 129 -16.44 -0.33 19.87
C SER A 129 -17.71 -0.50 19.02
N THR A 130 -18.79 0.10 19.45
CA THR A 130 -20.00 0.19 18.63
CA THR A 130 -20.02 0.18 18.68
C THR A 130 -20.29 1.62 18.25
N SER A 131 -20.80 1.81 17.04
CA SER A 131 -21.12 3.15 16.57
C SER A 131 -22.23 2.98 15.55
N GLY A 132 -23.35 3.67 15.78
CA GLY A 132 -24.42 3.64 14.80
C GLY A 132 -24.97 2.26 14.52
N GLY A 133 -24.93 1.35 15.49
CA GLY A 133 -25.38 -0.01 15.23
C GLY A 133 -24.35 -0.94 14.63
N THR A 134 -23.16 -0.45 14.32
CA THR A 134 -22.11 -1.31 13.79
C THR A 134 -21.09 -1.55 14.88
N ALA A 135 -20.32 -2.62 14.74
CA ALA A 135 -19.24 -2.91 15.67
C ALA A 135 -17.95 -2.97 14.91
N ALA A 136 -16.88 -2.47 15.53
CA ALA A 136 -15.55 -2.67 15.01
C ALA A 136 -14.82 -3.73 15.81
N LEU A 137 -13.93 -4.47 15.12
CA LEU A 137 -13.10 -5.50 15.76
C LEU A 137 -11.82 -5.56 14.94
N GLY A 138 -10.81 -6.25 15.46
CA GLY A 138 -9.58 -6.28 14.66
C GLY A 138 -8.54 -7.16 15.28
N CYS A 139 -7.32 -7.06 14.73
CA CYS A 139 -6.20 -7.66 15.43
CA CYS A 139 -6.15 -7.72 15.31
C CYS A 139 -5.02 -6.72 15.35
N LEU A 140 -4.24 -6.77 16.41
CA LEU A 140 -3.08 -5.95 16.60
C LEU A 140 -1.88 -6.86 16.34
N VAL A 141 -1.04 -6.48 15.38
CA VAL A 141 0.08 -7.30 14.91
C VAL A 141 1.34 -6.56 15.35
N LYS A 142 2.03 -7.10 16.34
CA LYS A 142 3.03 -6.31 17.05
C LYS A 142 4.40 -6.97 16.95
N ASP A 143 5.44 -6.12 16.82
CA ASP A 143 6.83 -6.44 17.11
C ASP A 143 7.44 -7.38 16.08
N TYR A 144 7.42 -7.01 14.81
CA TYR A 144 8.02 -7.85 13.78
C TYR A 144 9.07 -7.10 13.00
N PHE A 145 9.89 -7.87 12.28
CA PHE A 145 10.93 -7.25 11.44
C PHE A 145 11.35 -8.27 10.39
N PRO A 146 11.55 -7.87 9.12
CA PRO A 146 11.28 -6.57 8.51
C PRO A 146 9.84 -6.51 8.06
N GLU A 147 9.48 -5.45 7.34
CA GLU A 147 8.20 -5.53 6.63
C GLU A 147 8.31 -6.53 5.48
N PRO A 148 7.19 -7.02 4.97
CA PRO A 148 5.82 -6.80 5.36
C PRO A 148 5.19 -7.98 6.03
N VAL A 149 4.16 -7.67 6.81
CA VAL A 149 3.18 -8.71 7.17
CA VAL A 149 3.15 -8.65 7.22
C VAL A 149 2.01 -8.52 6.23
N THR A 150 1.40 -9.62 5.89
CA THR A 150 0.11 -9.55 5.20
C THR A 150 -0.97 -10.06 6.13
N VAL A 151 -2.16 -9.47 6.00
CA VAL A 151 -3.26 -9.81 6.85
C VAL A 151 -4.45 -10.12 5.96
N SER A 152 -5.06 -11.28 6.16
CA SER A 152 -6.37 -11.50 5.58
C SER A 152 -7.35 -11.82 6.71
N TRP A 153 -8.63 -11.89 6.38
CA TRP A 153 -9.67 -12.23 7.33
C TRP A 153 -10.44 -13.41 6.79
N ASN A 154 -10.68 -14.41 7.64
CA ASN A 154 -11.44 -15.60 7.22
C ASN A 154 -10.88 -16.19 5.92
N SER A 155 -9.55 -16.33 5.89
CA SER A 155 -8.80 -16.95 4.80
C SER A 155 -9.06 -16.27 3.48
N GLY A 156 -9.33 -14.97 3.51
CA GLY A 156 -9.58 -14.22 2.30
C GLY A 156 -11.03 -14.05 1.95
N ALA A 157 -11.94 -14.76 2.65
CA ALA A 157 -13.36 -14.62 2.35
C ALA A 157 -13.94 -13.30 2.85
N LEU A 158 -13.26 -12.60 3.76
CA LEU A 158 -13.82 -11.40 4.37
C LEU A 158 -12.94 -10.22 3.93
N THR A 159 -13.50 -9.31 3.11
CA THR A 159 -12.71 -8.16 2.63
C THR A 159 -13.42 -6.83 2.78
N SER A 160 -14.73 -6.85 2.77
CA SER A 160 -15.50 -5.62 2.83
C SER A 160 -15.33 -4.94 4.18
N GLY A 161 -15.08 -3.63 4.16
CA GLY A 161 -15.03 -3.00 5.49
C GLY A 161 -13.70 -3.14 6.23
N VAL A 162 -12.71 -3.79 5.63
CA VAL A 162 -11.40 -4.01 6.29
C VAL A 162 -10.51 -2.82 6.05
N HIS A 163 -9.86 -2.36 7.10
CA HIS A 163 -8.75 -1.41 6.94
C HIS A 163 -7.54 -2.08 7.59
N THR A 164 -6.54 -2.42 6.81
CA THR A 164 -5.26 -2.85 7.36
C THR A 164 -4.33 -1.65 7.29
N PHE A 165 -3.97 -1.14 8.45
CA PHE A 165 -3.22 0.12 8.48
C PHE A 165 -1.79 -0.08 8.06
N PRO A 166 -1.21 0.95 7.42
CA PRO A 166 0.25 1.01 7.27
C PRO A 166 0.93 0.78 8.60
N ALA A 167 2.01 0.00 8.58
CA ALA A 167 2.71 -0.25 9.85
C ALA A 167 3.34 1.03 10.38
N VAL A 168 3.53 1.06 11.71
CA VAL A 168 4.35 2.08 12.32
C VAL A 168 5.66 1.43 12.73
N LEU A 169 6.69 2.25 12.82
CA LEU A 169 7.98 1.85 13.33
C LEU A 169 8.01 2.17 14.82
N GLN A 170 8.20 1.14 15.63
CA GLN A 170 8.22 1.41 17.06
C GLN A 170 9.63 1.85 17.48
N SER A 171 9.70 2.44 18.69
CA SER A 171 11.01 2.92 19.13
C SER A 171 12.02 1.78 19.30
N SER A 172 11.55 0.54 19.38
CA SER A 172 12.45 -0.63 19.40
C SER A 172 13.11 -0.91 18.05
N GLY A 173 12.63 -0.31 16.96
CA GLY A 173 13.06 -0.70 15.64
C GLY A 173 12.18 -1.80 15.05
N LEU A 174 11.22 -2.28 15.80
CA LEU A 174 10.30 -3.28 15.29
C LEU A 174 9.04 -2.58 14.76
N TYR A 175 8.32 -3.26 13.88
CA TYR A 175 7.11 -2.73 13.28
C TYR A 175 5.86 -3.24 14.02
N SER A 176 4.79 -2.52 13.87
CA SER A 176 3.48 -2.87 14.43
CA SER A 176 3.49 -2.95 14.38
C SER A 176 2.40 -2.39 13.48
N LEU A 177 1.32 -3.16 13.33
CA LEU A 177 0.19 -2.60 12.60
C LEU A 177 -1.10 -3.16 13.22
N SER A 178 -2.23 -2.59 12.85
CA SER A 178 -3.50 -3.23 13.20
CA SER A 178 -3.50 -3.22 13.20
C SER A 178 -4.31 -3.38 11.93
N SER A 179 -5.20 -4.39 11.94
CA SER A 179 -6.18 -4.55 10.87
C SER A 179 -7.55 -4.62 11.52
N VAL A 180 -8.48 -3.81 11.04
CA VAL A 180 -9.80 -3.66 11.69
C VAL A 180 -10.86 -3.89 10.63
N VAL A 181 -12.04 -4.28 11.11
CA VAL A 181 -13.19 -4.41 10.23
C VAL A 181 -14.41 -3.91 10.98
N THR A 182 -15.35 -3.31 10.26
CA THR A 182 -16.64 -2.98 10.87
CA THR A 182 -16.64 -2.96 10.84
C THR A 182 -17.70 -3.95 10.35
N VAL A 183 -18.50 -4.44 11.29
CA VAL A 183 -19.49 -5.50 11.01
C VAL A 183 -20.79 -5.16 11.71
N PRO A 184 -21.88 -5.85 11.46
CA PRO A 184 -23.09 -5.60 12.25
C PRO A 184 -22.85 -5.91 13.72
N SER A 185 -23.39 -5.07 14.62
CA SER A 185 -23.22 -5.40 16.03
C SER A 185 -24.16 -6.54 16.40
N SER A 186 -25.15 -6.83 15.58
CA SER A 186 -26.25 -7.71 15.96
C SER A 186 -25.86 -9.17 15.92
N SER A 187 -24.75 -9.52 15.26
CA SER A 187 -24.44 -10.92 14.99
C SER A 187 -23.05 -11.31 15.49
N LEU A 188 -22.51 -10.60 16.47
CA LEU A 188 -21.27 -11.05 17.04
C LEU A 188 -21.37 -12.42 17.72
N GLY A 189 -22.58 -12.93 17.98
CA GLY A 189 -22.63 -14.22 18.62
C GLY A 189 -22.74 -15.35 17.62
N THR A 190 -22.99 -15.04 16.34
CA THR A 190 -23.13 -16.08 15.32
C THR A 190 -22.04 -16.04 14.29
N GLN A 191 -21.39 -14.89 14.06
CA GLN A 191 -20.40 -14.87 13.01
C GLN A 191 -19.02 -15.11 13.61
N THR A 192 -18.11 -15.59 12.77
CA THR A 192 -16.74 -15.81 13.23
C THR A 192 -15.81 -14.94 12.41
N TYR A 193 -14.87 -14.30 13.10
CA TYR A 193 -13.92 -13.38 12.48
C TYR A 193 -12.52 -13.82 12.92
N ILE A 194 -11.74 -14.34 11.98
CA ILE A 194 -10.39 -14.83 12.24
C ILE A 194 -9.42 -14.04 11.39
N CYS A 195 -8.44 -13.43 12.04
CA CYS A 195 -7.46 -12.77 11.23
C CYS A 195 -6.30 -13.75 10.95
N ASN A 196 -5.82 -13.72 9.71
CA ASN A 196 -4.76 -14.61 9.23
C ASN A 196 -3.55 -13.75 8.94
N VAL A 197 -2.45 -13.97 9.65
CA VAL A 197 -1.29 -13.05 9.59
C VAL A 197 -0.10 -13.85 9.07
N ASN A 198 0.52 -13.37 8.00
CA ASN A 198 1.65 -14.09 7.41
C ASN A 198 2.86 -13.18 7.35
N HIS A 199 4.01 -13.71 7.74
CA HIS A 199 5.26 -12.92 7.72
C HIS A 199 6.31 -13.79 7.04
N LYS A 200 6.53 -13.59 5.75
CA LYS A 200 7.40 -14.51 5.01
C LYS A 200 8.82 -14.57 5.54
N PRO A 201 9.47 -13.46 5.91
CA PRO A 201 10.88 -13.55 6.28
C PRO A 201 11.15 -14.38 7.51
N SER A 202 10.18 -14.50 8.42
CA SER A 202 10.34 -15.37 9.57
C SER A 202 9.61 -16.68 9.41
N ASN A 203 8.98 -16.90 8.25
CA ASN A 203 8.21 -18.12 8.03
C ASN A 203 7.13 -18.29 9.12
N THR A 204 6.47 -17.19 9.46
CA THR A 204 5.47 -17.12 10.51
C THR A 204 4.08 -17.03 9.91
N LYS A 205 3.18 -17.89 10.37
CA LYS A 205 1.78 -17.86 9.99
C LYS A 205 0.97 -18.01 11.27
N VAL A 206 0.04 -17.12 11.50
CA VAL A 206 -0.77 -17.08 12.73
C VAL A 206 -2.22 -16.84 12.34
N ASP A 207 -3.15 -17.62 12.92
CA ASP A 207 -4.58 -17.33 12.80
C ASP A 207 -5.14 -17.04 14.17
N LYS A 208 -5.91 -15.96 14.31
CA LYS A 208 -6.41 -15.60 15.62
C LYS A 208 -7.90 -15.31 15.50
N LYS A 209 -8.74 -16.07 16.21
CA LYS A 209 -10.16 -15.81 16.25
C LYS A 209 -10.44 -14.67 17.21
N VAL A 210 -11.17 -13.67 16.74
CA VAL A 210 -11.40 -12.48 17.53
C VAL A 210 -12.78 -12.63 18.16
N GLU A 211 -12.81 -12.79 19.51
CA GLU A 211 -14.02 -12.97 20.31
C GLU A 211 -14.45 -11.66 20.92
N PRO A 212 -15.75 -11.46 21.07
CA PRO A 212 -16.23 -10.25 21.73
C PRO A 212 -15.93 -10.25 23.22
N LYS A 213 -15.91 -9.04 23.77
CA LYS A 213 -15.96 -8.82 25.20
C LYS A 213 -17.42 -8.59 25.59
N SER A 214 -17.75 -8.91 26.83
CA SER A 214 -19.13 -8.79 27.32
C SER A 214 -19.48 -7.39 27.84
N CYS A 215 -18.48 -6.51 28.01
CA CYS A 215 -18.70 -5.15 28.51
C CYS A 215 -19.35 -4.27 27.46
N ASP B 1 20.36 10.92 -20.78
CA ASP B 1 19.09 10.23 -20.70
C ASP B 1 17.98 11.17 -21.09
N VAL B 2 16.86 10.62 -21.51
CA VAL B 2 15.69 11.43 -21.86
C VAL B 2 14.86 11.65 -20.61
N VAL B 3 14.70 12.91 -20.23
CA VAL B 3 13.99 13.26 -19.01
C VAL B 3 12.52 13.42 -19.33
N MET B 4 11.64 12.85 -18.47
CA MET B 4 10.19 12.99 -18.56
C MET B 4 9.72 13.95 -17.48
N THR B 5 9.19 15.11 -17.88
CA THR B 5 8.74 16.11 -16.91
C THR B 5 7.22 16.10 -16.85
N GLN B 6 6.68 15.75 -15.70
CA GLN B 6 5.26 15.55 -15.53
C GLN B 6 4.72 16.65 -14.63
N THR B 7 3.65 17.29 -15.04
CA THR B 7 2.96 18.26 -14.20
C THR B 7 1.45 18.05 -14.32
N PRO B 8 0.68 18.52 -13.34
CA PRO B 8 1.15 19.01 -12.03
C PRO B 8 1.66 17.86 -11.18
N LEU B 9 2.23 18.19 -10.02
CA LEU B 9 2.63 17.17 -9.06
C LEU B 9 1.42 16.54 -8.39
N THR B 10 0.41 17.37 -8.11
CA THR B 10 -0.83 16.93 -7.46
CA THR B 10 -0.82 16.91 -7.49
C THR B 10 -2.02 17.54 -8.18
N LEU B 11 -3.09 16.73 -8.32
CA LEU B 11 -4.42 17.17 -8.76
C LEU B 11 -5.38 16.88 -7.63
N SER B 12 -6.08 17.89 -7.17
CA SER B 12 -7.10 17.74 -6.15
CA SER B 12 -7.12 17.72 -6.16
C SER B 12 -8.44 18.07 -6.82
N VAL B 13 -9.29 17.06 -7.04
CA VAL B 13 -10.45 17.25 -7.92
C VAL B 13 -11.71 16.73 -7.25
N THR B 14 -12.85 17.26 -7.69
CA THR B 14 -14.14 16.78 -7.24
C THR B 14 -14.64 15.72 -8.19
N ILE B 15 -15.54 14.88 -7.68
CA ILE B 15 -16.16 13.90 -8.56
C ILE B 15 -16.90 14.62 -9.70
N GLY B 16 -16.65 14.15 -10.94
CA GLY B 16 -17.28 14.72 -12.11
C GLY B 16 -16.45 15.76 -12.83
N GLN B 17 -15.36 16.22 -12.22
CA GLN B 17 -14.51 17.30 -12.78
C GLN B 17 -13.64 16.73 -13.88
N PRO B 18 -13.38 17.46 -14.94
CA PRO B 18 -12.31 17.00 -15.86
C PRO B 18 -10.95 17.17 -15.22
N ALA B 19 -10.00 16.38 -15.69
CA ALA B 19 -8.63 16.51 -15.23
C ALA B 19 -7.68 16.34 -16.41
N SER B 20 -6.52 17.00 -16.34
CA SER B 20 -5.53 16.87 -17.40
C SER B 20 -4.14 16.74 -16.77
N ILE B 21 -3.28 15.87 -17.33
CA ILE B 21 -1.93 15.67 -16.84
C ILE B 21 -1.00 15.81 -18.05
N SER B 22 0.11 16.54 -17.88
CA SER B 22 1.05 16.82 -18.96
C SER B 22 2.33 16.04 -18.71
N CYS B 23 2.92 15.51 -19.80
CA CYS B 23 4.22 14.87 -19.74
C CYS B 23 4.99 15.44 -20.93
N LYS B 24 6.16 16.03 -20.66
CA LYS B 24 7.02 16.56 -21.71
C LYS B 24 8.37 15.85 -21.68
N SER B 25 8.79 15.31 -22.83
CA SER B 25 10.06 14.62 -22.91
C SER B 25 11.15 15.57 -23.40
N SER B 26 12.40 15.30 -22.98
CA SER B 26 13.47 16.22 -23.35
C SER B 26 13.96 15.98 -24.76
N GLN B 27 13.57 14.87 -25.37
CA GLN B 27 13.86 14.58 -26.76
C GLN B 27 12.63 13.92 -27.37
N SER B 28 12.55 13.98 -28.70
CA SER B 28 11.48 13.29 -29.41
C SER B 28 11.40 11.81 -29.04
N LEU B 29 10.17 11.31 -28.92
CA LEU B 29 9.92 9.89 -28.65
C LEU B 29 9.52 9.12 -29.89
N LEU B 30 9.67 9.71 -31.06
CA LEU B 30 9.41 9.02 -32.32
C LEU B 30 10.50 8.00 -32.59
N TYR B 31 10.10 6.73 -32.70
CA TYR B 31 11.04 5.66 -33.03
C TYR B 31 11.11 5.43 -34.53
N SER B 32 12.15 4.69 -34.95
CA SER B 32 12.45 4.49 -36.36
C SER B 32 11.41 3.65 -37.09
N ASP B 33 10.55 2.93 -36.36
CA ASP B 33 9.43 2.25 -37.00
C ASP B 33 8.21 3.15 -37.16
N GLY B 34 8.31 4.44 -36.83
CA GLY B 34 7.21 5.34 -37.00
C GLY B 34 6.27 5.44 -35.80
N LYS B 35 6.49 4.62 -34.77
CA LYS B 35 5.63 4.61 -33.59
C LYS B 35 6.28 5.48 -32.52
N THR B 36 5.45 5.98 -31.63
CA THR B 36 5.90 6.80 -30.51
C THR B 36 5.57 6.04 -29.24
N TYR B 37 6.62 5.60 -28.51
CA TYR B 37 6.42 4.69 -27.38
C TYR B 37 6.29 5.50 -26.09
N LEU B 38 5.08 6.01 -25.87
CA LEU B 38 4.72 6.76 -24.67
C LEU B 38 3.56 6.06 -23.99
N ASN B 39 3.76 5.62 -22.73
CA ASN B 39 2.80 4.85 -21.97
C ASN B 39 2.35 5.67 -20.78
N TRP B 40 1.11 5.45 -20.33
CA TRP B 40 0.61 6.04 -19.08
C TRP B 40 0.19 4.91 -18.15
N LEU B 41 0.52 5.08 -16.87
CA LEU B 41 0.26 4.10 -15.82
C LEU B 41 -0.51 4.76 -14.69
N LEU B 42 -1.29 3.97 -13.97
CA LEU B 42 -1.90 4.44 -12.73
C LEU B 42 -1.51 3.47 -11.64
N GLN B 43 -1.03 4.00 -10.51
CA GLN B 43 -0.73 3.17 -9.36
C GLN B 43 -1.63 3.69 -8.25
N ARG B 44 -2.68 2.94 -8.00
CA ARG B 44 -3.61 3.38 -6.95
C ARG B 44 -2.91 3.15 -5.62
N PRO B 45 -3.33 3.87 -4.57
CA PRO B 45 -2.63 3.75 -3.28
C PRO B 45 -2.65 2.30 -2.77
N GLY B 46 -1.46 1.76 -2.47
CA GLY B 46 -1.35 0.40 -2.00
C GLY B 46 -1.14 -0.68 -3.05
N GLN B 47 -1.21 -0.36 -4.35
CA GLN B 47 -1.26 -1.37 -5.40
C GLN B 47 -0.04 -1.25 -6.31
N SER B 48 0.12 -2.23 -7.18
CA SER B 48 1.09 -2.16 -8.27
C SER B 48 0.56 -1.25 -9.37
N PRO B 49 1.43 -0.77 -10.24
CA PRO B 49 0.93 0.01 -11.37
C PRO B 49 0.05 -0.85 -12.30
N LYS B 50 -0.74 -0.15 -13.10
CA LYS B 50 -1.56 -0.77 -14.12
C LYS B 50 -1.37 0.11 -15.34
N ARG B 51 -1.10 -0.49 -16.53
CA ARG B 51 -0.99 0.38 -17.71
C ARG B 51 -2.37 0.78 -18.20
N LEU B 52 -2.54 2.07 -18.51
CA LEU B 52 -3.82 2.58 -19.04
C LEU B 52 -3.74 2.80 -20.54
N ILE B 53 -2.62 3.33 -21.01
CA ILE B 53 -2.48 3.79 -22.40
C ILE B 53 -1.09 3.44 -22.88
N SER B 54 -1.00 3.01 -24.15
CA SER B 54 0.28 2.79 -24.81
C SER B 54 0.23 3.50 -26.16
N LEU B 55 1.41 3.59 -26.80
CA LEU B 55 1.49 4.25 -28.12
C LEU B 55 0.73 5.58 -28.15
N VAL B 56 0.92 6.36 -27.07
CA VAL B 56 0.39 7.75 -26.88
C VAL B 56 -1.11 7.78 -26.57
N SER B 57 -1.91 7.07 -27.39
CA SER B 57 -3.36 7.26 -27.37
C SER B 57 -4.18 5.98 -27.28
N GLU B 58 -3.56 4.81 -27.24
CA GLU B 58 -4.27 3.57 -27.37
C GLU B 58 -4.63 3.05 -25.99
N LEU B 59 -5.94 2.96 -25.70
CA LEU B 59 -6.33 2.51 -24.35
C LEU B 59 -6.18 0.99 -24.22
N ASP B 60 -5.75 0.58 -23.03
CA ASP B 60 -5.71 -0.86 -22.80
C ASP B 60 -7.10 -1.41 -22.57
N SER B 61 -7.18 -2.72 -22.66
CA SER B 61 -8.46 -3.40 -22.50
C SER B 61 -9.00 -3.17 -21.10
N GLY B 62 -10.29 -2.80 -21.02
CA GLY B 62 -10.96 -2.51 -19.76
C GLY B 62 -10.77 -1.10 -19.24
N VAL B 63 -9.97 -0.28 -19.88
CA VAL B 63 -9.84 1.11 -19.41
C VAL B 63 -11.04 1.91 -19.89
N PRO B 64 -11.75 2.65 -19.03
CA PRO B 64 -12.95 3.36 -19.49
C PRO B 64 -12.62 4.50 -20.45
N ASP B 65 -13.60 4.80 -21.32
CA ASP B 65 -13.40 5.80 -22.34
C ASP B 65 -13.41 7.20 -21.79
N ARG B 66 -13.51 7.38 -20.45
CA ARG B 66 -13.27 8.69 -19.88
C ARG B 66 -11.82 9.08 -20.00
N PHE B 67 -10.92 8.13 -20.26
CA PHE B 67 -9.51 8.43 -20.41
C PHE B 67 -9.18 8.64 -21.87
N THR B 68 -8.38 9.68 -22.17
CA THR B 68 -7.82 9.79 -23.53
C THR B 68 -6.37 10.22 -23.41
N GLY B 69 -5.56 9.81 -24.37
CA GLY B 69 -4.16 10.20 -24.41
C GLY B 69 -3.90 10.88 -25.74
N SER B 70 -3.13 11.95 -25.70
CA SER B 70 -2.82 12.64 -26.95
C SER B 70 -1.39 13.15 -26.91
N GLY B 71 -0.92 13.58 -28.07
CA GLY B 71 0.41 14.14 -28.09
C GLY B 71 1.22 13.64 -29.26
N SER B 72 2.39 14.25 -29.42
CA SER B 72 3.38 13.79 -30.39
C SER B 72 4.73 14.41 -30.05
N GLY B 73 5.77 13.79 -30.54
CA GLY B 73 7.08 14.43 -30.48
C GLY B 73 7.54 14.50 -29.05
N THR B 74 7.33 15.66 -28.41
CA THR B 74 7.76 15.81 -27.02
C THR B 74 6.66 16.17 -26.05
N ASP B 75 5.46 16.53 -26.49
CA ASP B 75 4.42 17.01 -25.56
C ASP B 75 3.24 16.04 -25.56
N PHE B 76 2.90 15.55 -24.38
CA PHE B 76 1.88 14.51 -24.23
C PHE B 76 0.92 14.88 -23.11
N THR B 77 -0.32 14.42 -23.24
CA THR B 77 -1.36 14.76 -22.25
CA THR B 77 -1.33 14.73 -22.22
C THR B 77 -2.23 13.52 -22.02
N LEU B 78 -2.54 13.26 -20.76
CA LEU B 78 -3.57 12.29 -20.41
C LEU B 78 -4.74 13.13 -19.88
N LYS B 79 -5.94 12.90 -20.39
CA LYS B 79 -7.13 13.62 -19.91
C LYS B 79 -8.15 12.65 -19.36
N ILE B 80 -8.85 13.09 -18.31
CA ILE B 80 -10.01 12.36 -17.78
C ILE B 80 -11.23 13.27 -17.98
N SER B 81 -12.24 12.79 -18.72
CA SER B 81 -13.34 13.70 -19.07
C SER B 81 -14.13 14.09 -17.81
N ARG B 82 -14.35 13.13 -16.91
CA ARG B 82 -15.12 13.32 -15.68
C ARG B 82 -14.51 12.36 -14.66
N VAL B 83 -13.90 12.90 -13.60
CA VAL B 83 -13.23 12.08 -12.60
C VAL B 83 -14.23 11.25 -11.81
N GLU B 84 -13.90 9.98 -11.57
CA GLU B 84 -14.67 9.09 -10.70
C GLU B 84 -13.80 8.71 -9.50
N ALA B 85 -14.45 8.24 -8.42
CA ALA B 85 -13.75 7.99 -7.15
C ALA B 85 -12.60 7.01 -7.32
N GLU B 86 -12.76 6.04 -8.23
CA GLU B 86 -11.75 5.00 -8.36
C GLU B 86 -10.54 5.45 -9.19
N ASP B 87 -10.53 6.69 -9.66
CA ASP B 87 -9.42 7.20 -10.46
C ASP B 87 -8.28 7.74 -9.62
N LEU B 88 -8.38 7.74 -8.30
CA LEU B 88 -7.30 8.29 -7.50
C LEU B 88 -6.04 7.41 -7.55
N GLY B 89 -4.96 8.03 -7.21
CA GLY B 89 -3.69 7.32 -7.18
C GLY B 89 -2.62 8.15 -7.82
N VAL B 90 -1.51 7.51 -8.23
CA VAL B 90 -0.44 8.26 -8.86
C VAL B 90 -0.32 7.82 -10.34
N TYR B 91 -0.42 8.81 -11.24
CA TYR B 91 -0.27 8.58 -12.68
C TYR B 91 1.20 8.77 -13.04
N TYR B 92 1.72 7.90 -13.89
CA TYR B 92 3.05 8.07 -14.44
C TYR B 92 3.03 7.94 -15.95
N CYS B 93 3.84 8.75 -16.62
CA CYS B 93 4.18 8.45 -18.01
C CYS B 93 5.52 7.75 -18.07
N TRP B 94 5.73 6.98 -19.13
CA TRP B 94 7.09 6.50 -19.31
C TRP B 94 7.33 6.24 -20.77
N GLN B 95 8.57 6.46 -21.16
CA GLN B 95 8.93 6.39 -22.58
C GLN B 95 9.71 5.13 -22.85
N GLY B 96 9.40 4.50 -23.99
CA GLY B 96 10.06 3.27 -24.40
C GLY B 96 10.90 3.39 -25.66
N THR B 97 11.21 4.62 -26.09
CA THR B 97 11.92 4.82 -27.35
C THR B 97 13.42 4.88 -27.14
N HIS B 98 13.88 5.41 -26.00
CA HIS B 98 15.29 5.65 -25.78
C HIS B 98 15.79 4.80 -24.63
N PHE B 99 17.11 4.59 -24.58
CA PHE B 99 17.75 3.98 -23.41
C PHE B 99 18.51 5.03 -22.61
N PRO B 100 18.42 4.98 -21.28
CA PRO B 100 17.57 4.04 -20.54
C PRO B 100 16.10 4.39 -20.66
N ARG B 101 15.22 3.39 -20.48
CA ARG B 101 13.81 3.74 -20.33
C ARG B 101 13.67 4.63 -19.11
N THR B 102 12.79 5.65 -19.21
CA THR B 102 12.59 6.59 -18.10
C THR B 102 11.15 6.89 -17.88
N PHE B 103 10.85 7.27 -16.62
CA PHE B 103 9.52 7.56 -16.13
C PHE B 103 9.41 9.02 -15.74
N GLY B 104 8.24 9.54 -15.85
CA GLY B 104 7.95 10.83 -15.22
C GLY B 104 7.89 10.68 -13.70
N GLY B 105 7.90 11.85 -13.04
CA GLY B 105 7.91 11.82 -11.59
C GLY B 105 6.57 11.53 -10.95
N GLY B 106 5.51 11.48 -11.70
CA GLY B 106 4.23 11.08 -11.09
C GLY B 106 3.34 12.27 -10.81
N THR B 107 2.03 12.06 -10.97
CA THR B 107 1.03 13.06 -10.58
C THR B 107 0.05 12.39 -9.65
N LYS B 108 -0.12 12.96 -8.46
CA LYS B 108 -1.00 12.33 -7.49
C LYS B 108 -2.40 12.91 -7.69
N LEU B 109 -3.39 12.07 -7.95
CA LEU B 109 -4.78 12.51 -8.10
C LEU B 109 -5.47 12.18 -6.80
N GLU B 110 -5.98 13.21 -6.10
CA GLU B 110 -6.73 13.01 -4.86
C GLU B 110 -8.12 13.57 -5.01
N ILE B 111 -9.08 12.97 -4.30
CA ILE B 111 -10.48 13.33 -4.48
C ILE B 111 -10.92 14.24 -3.33
N LYS B 112 -11.54 15.38 -3.68
CA LYS B 112 -12.19 16.24 -2.71
C LYS B 112 -13.65 15.84 -2.61
N ARG B 113 -14.16 15.74 -1.40
CA ARG B 113 -15.54 15.34 -1.24
C ARG B 113 -16.13 16.09 -0.06
N THR B 114 -17.38 15.81 0.27
CA THR B 114 -18.00 16.49 1.41
C THR B 114 -17.38 16.02 2.73
N VAL B 115 -17.47 16.91 3.72
CA VAL B 115 -17.00 16.54 5.05
C VAL B 115 -17.83 15.35 5.56
N ALA B 116 -17.14 14.40 6.21
CA ALA B 116 -17.75 13.24 6.81
C ALA B 116 -17.11 12.99 8.16
N ALA B 117 -17.92 12.91 9.23
CA ALA B 117 -17.40 12.70 10.57
C ALA B 117 -16.93 11.28 10.73
N PRO B 118 -15.90 11.06 11.54
CA PRO B 118 -15.47 9.69 11.81
C PRO B 118 -16.45 9.02 12.74
N SER B 119 -16.54 7.71 12.59
CA SER B 119 -17.06 6.85 13.64
CA SER B 119 -17.07 6.86 13.67
C SER B 119 -15.91 6.45 14.55
N VAL B 120 -16.13 6.49 15.86
CA VAL B 120 -15.02 6.39 16.82
C VAL B 120 -15.24 5.18 17.69
N PHE B 121 -14.17 4.37 17.85
CA PHE B 121 -14.23 3.10 18.57
C PHE B 121 -13.04 3.00 19.49
N ILE B 122 -13.16 2.32 20.62
CA ILE B 122 -11.97 2.11 21.43
C ILE B 122 -11.88 0.65 21.82
N PHE B 123 -10.66 0.17 21.97
CA PHE B 123 -10.37 -1.23 22.33
C PHE B 123 -9.46 -1.33 23.55
N PRO B 124 -9.92 -1.94 24.62
CA PRO B 124 -9.05 -2.22 25.75
C PRO B 124 -7.98 -3.24 25.37
N PRO B 125 -6.89 -3.32 26.13
CA PRO B 125 -5.89 -4.34 25.82
C PRO B 125 -6.43 -5.72 26.13
N SER B 126 -5.95 -6.69 25.37
CA SER B 126 -6.34 -8.08 25.54
C SER B 126 -5.71 -8.67 26.78
N ASP B 127 -6.37 -9.67 27.34
CA ASP B 127 -5.78 -10.39 28.46
C ASP B 127 -4.46 -11.05 28.07
N GLU B 128 -4.40 -11.60 26.85
CA GLU B 128 -3.18 -12.26 26.37
C GLU B 128 -1.98 -11.30 26.38
N GLN B 129 -2.19 -10.07 25.90
CA GLN B 129 -1.09 -9.11 25.89
C GLN B 129 -0.73 -8.67 27.31
N LEU B 130 -1.74 -8.40 28.15
CA LEU B 130 -1.48 -7.98 29.53
C LEU B 130 -0.61 -9.02 30.25
N LYS B 131 -0.87 -10.30 29.99
CA LYS B 131 -0.11 -11.37 30.66
C LYS B 131 1.37 -11.30 30.29
N SER B 132 1.66 -10.83 29.07
CA SER B 132 3.01 -10.66 28.56
C SER B 132 3.69 -9.37 29.03
N GLY B 133 2.97 -8.49 29.72
CA GLY B 133 3.58 -7.37 30.39
C GLY B 133 3.40 -6.03 29.72
N THR B 134 2.52 -5.93 28.72
CA THR B 134 2.30 -4.69 27.99
C THR B 134 0.80 -4.47 27.85
N ALA B 135 0.39 -3.20 27.78
CA ALA B 135 -0.99 -2.83 27.46
C ALA B 135 -1.01 -1.89 26.27
N SER B 136 -1.60 -2.34 25.15
CA SER B 136 -1.82 -1.47 24.02
C SER B 136 -3.31 -1.14 23.99
N VAL B 137 -3.64 0.14 23.97
CA VAL B 137 -5.03 0.61 23.85
C VAL B 137 -5.19 1.28 22.50
N VAL B 138 -6.22 0.89 21.72
CA VAL B 138 -6.34 1.39 20.37
C VAL B 138 -7.62 2.21 20.25
N CYS B 139 -7.47 3.42 19.70
CA CYS B 139 -8.59 4.25 19.31
CA CYS B 139 -8.60 4.25 19.32
C CYS B 139 -8.68 4.25 17.78
N LEU B 140 -9.87 4.00 17.23
CA LEU B 140 -10.06 3.89 15.79
C LEU B 140 -11.04 4.95 15.31
N LEU B 141 -10.67 5.70 14.28
CA LEU B 141 -11.54 6.68 13.64
C LEU B 141 -11.78 6.16 12.23
N ASN B 142 -13.02 5.84 11.91
CA ASN B 142 -13.30 5.19 10.65
C ASN B 142 -14.02 6.13 9.67
N ASN B 143 -13.53 6.11 8.41
CA ASN B 143 -14.22 6.65 7.23
CA ASN B 143 -14.18 6.66 7.21
C ASN B 143 -14.63 8.11 7.37
N PHE B 144 -13.64 8.97 7.49
CA PHE B 144 -13.89 10.38 7.68
C PHE B 144 -13.19 11.22 6.60
N TYR B 145 -13.61 12.47 6.45
CA TYR B 145 -13.02 13.39 5.51
C TYR B 145 -13.29 14.80 6.02
N PRO B 146 -12.30 15.70 6.02
CA PRO B 146 -10.94 15.57 5.45
C PRO B 146 -10.02 14.78 6.37
N ARG B 147 -8.78 14.66 5.90
CA ARG B 147 -7.83 13.80 6.58
C ARG B 147 -7.41 14.32 7.94
N GLU B 148 -7.47 15.64 8.15
CA GLU B 148 -7.01 16.25 9.40
C GLU B 148 -7.93 15.83 10.54
N ALA B 149 -7.35 15.26 11.60
CA ALA B 149 -8.14 14.85 12.76
C ALA B 149 -7.26 15.02 14.00
N LYS B 150 -7.82 15.46 15.13
CA LYS B 150 -7.05 15.60 16.37
C LYS B 150 -7.49 14.49 17.31
N VAL B 151 -6.54 13.66 17.74
CA VAL B 151 -6.86 12.55 18.62
C VAL B 151 -6.01 12.70 19.87
N GLN B 152 -6.68 12.88 21.04
CA GLN B 152 -5.97 13.04 22.30
C GLN B 152 -6.27 11.89 23.25
N TRP B 153 -5.24 11.41 23.92
CA TRP B 153 -5.45 10.41 24.95
C TRP B 153 -5.54 11.07 26.31
N LYS B 154 -6.51 10.63 27.14
CA LYS B 154 -6.65 11.11 28.51
C LYS B 154 -6.75 9.91 29.43
N VAL B 155 -5.87 9.87 30.42
CA VAL B 155 -5.82 8.79 31.38
C VAL B 155 -6.17 9.41 32.72
N ASP B 156 -7.31 9.01 33.30
CA ASP B 156 -7.85 9.65 34.51
C ASP B 156 -7.87 11.18 34.34
N ASN B 157 -8.36 11.58 33.17
CA ASN B 157 -8.58 12.96 32.73
CA ASN B 157 -8.58 12.98 32.77
C ASN B 157 -7.30 13.75 32.52
N ALA B 158 -6.13 13.11 32.62
CA ALA B 158 -4.85 13.76 32.36
C ALA B 158 -4.45 13.54 30.91
N LEU B 159 -4.16 14.63 30.23
CA LEU B 159 -3.77 14.55 28.82
C LEU B 159 -2.41 13.87 28.70
N GLN B 160 -2.31 12.93 27.78
CA GLN B 160 -1.08 12.15 27.63
C GLN B 160 -0.24 12.78 26.56
N SER B 161 1.06 12.70 26.75
CA SER B 161 1.97 12.94 25.65
C SER B 161 2.99 11.82 25.66
N GLY B 162 3.38 11.35 24.49
CA GLY B 162 4.65 10.64 24.41
C GLY B 162 4.56 9.13 24.39
N ASN B 163 3.38 8.55 24.45
CA ASN B 163 3.17 7.12 24.58
CA ASN B 163 3.31 7.09 24.45
C ASN B 163 2.25 6.58 23.49
N SER B 164 2.00 7.34 22.42
CA SER B 164 1.08 6.83 21.41
C SER B 164 1.65 7.01 20.00
N GLN B 165 1.14 6.20 19.05
CA GLN B 165 1.53 6.32 17.65
C GLN B 165 0.29 6.22 16.79
N GLU B 166 0.22 7.03 15.72
CA GLU B 166 -0.93 7.05 14.81
C GLU B 166 -0.54 6.42 13.49
N SER B 167 -1.55 5.91 12.77
CA SER B 167 -1.33 5.51 11.38
C SER B 167 -2.62 5.84 10.63
N VAL B 168 -2.51 6.32 9.39
CA VAL B 168 -3.69 6.67 8.58
C VAL B 168 -3.72 5.79 7.32
N THR B 169 -4.93 5.41 6.90
CA THR B 169 -5.02 4.67 5.64
C THR B 169 -4.87 5.59 4.43
N GLU B 170 -4.55 4.97 3.29
CA GLU B 170 -4.74 5.67 2.03
C GLU B 170 -6.20 6.10 1.86
N GLN B 171 -6.41 7.09 0.99
CA GLN B 171 -7.78 7.47 0.70
C GLN B 171 -8.53 6.30 0.02
N ASP B 172 -9.78 6.13 0.42
CA ASP B 172 -10.56 5.00 -0.05
C ASP B 172 -11.01 5.16 -1.51
N SER B 173 -10.88 4.08 -2.31
CA SER B 173 -11.21 4.20 -3.74
C SER B 173 -12.71 4.22 -4.01
N LYS B 174 -13.57 3.96 -3.01
CA LYS B 174 -15.02 3.99 -3.25
C LYS B 174 -15.68 5.23 -2.63
N ASP B 175 -15.32 5.57 -1.40
CA ASP B 175 -16.01 6.69 -0.77
C ASP B 175 -15.06 7.85 -0.46
N SER B 176 -13.81 7.77 -0.86
CA SER B 176 -12.85 8.88 -0.81
C SER B 176 -12.59 9.35 0.62
N THR B 177 -12.78 8.47 1.61
CA THR B 177 -12.48 8.83 2.99
C THR B 177 -11.19 8.19 3.47
N TYR B 178 -10.86 8.54 4.73
CA TYR B 178 -9.67 8.05 5.39
C TYR B 178 -10.07 7.35 6.67
N SER B 179 -9.20 6.48 7.21
CA SER B 179 -9.39 5.96 8.56
C SER B 179 -8.08 6.11 9.32
N LEU B 180 -8.15 6.20 10.65
CA LEU B 180 -6.97 6.47 11.45
C LEU B 180 -6.99 5.63 12.71
N SER B 181 -5.84 5.13 13.09
CA SER B 181 -5.72 4.47 14.39
C SER B 181 -4.74 5.24 15.24
N SER B 182 -4.98 5.26 16.55
CA SER B 182 -4.03 5.79 17.52
C SER B 182 -3.87 4.72 18.57
N THR B 183 -2.64 4.32 18.83
CA THR B 183 -2.34 3.25 19.77
C THR B 183 -1.54 3.82 20.94
N LEU B 184 -2.09 3.69 22.14
CA LEU B 184 -1.38 4.06 23.38
C LEU B 184 -0.76 2.80 23.94
N THR B 185 0.55 2.81 24.19
CA THR B 185 1.23 1.65 24.76
C THR B 185 1.87 1.96 26.09
N LEU B 186 1.52 1.15 27.10
CA LEU B 186 2.07 1.28 28.44
C LEU B 186 2.56 -0.08 28.90
N SER B 187 3.54 -0.07 29.79
CA SER B 187 3.86 -1.29 30.52
C SER B 187 2.64 -1.71 31.35
N LYS B 188 2.58 -2.99 31.71
CA LYS B 188 1.43 -3.46 32.48
C LYS B 188 1.39 -2.75 33.84
N ALA B 189 2.56 -2.60 34.48
CA ALA B 189 2.61 -1.88 35.76
C ALA B 189 2.06 -0.45 35.65
N ASP B 190 2.41 0.27 34.58
CA ASP B 190 1.87 1.62 34.40
C ASP B 190 0.37 1.59 34.09
N TYR B 191 -0.05 0.65 33.25
CA TYR B 191 -1.48 0.53 32.93
C TYR B 191 -2.30 0.35 34.21
N GLU B 192 -1.77 -0.41 35.15
CA GLU B 192 -2.54 -0.72 36.35
C GLU B 192 -2.58 0.42 37.37
N LYS B 193 -1.91 1.55 37.10
CA LYS B 193 -1.95 2.66 38.03
C LYS B 193 -3.17 3.56 37.85
N HIS B 194 -3.95 3.32 36.80
CA HIS B 194 -4.95 4.27 36.36
C HIS B 194 -6.23 3.53 36.09
N LYS B 195 -7.33 4.26 36.16
CA LYS B 195 -8.65 3.66 35.98
C LYS B 195 -9.25 3.98 34.62
N VAL B 196 -9.41 5.27 34.31
CA VAL B 196 -10.20 5.68 33.13
C VAL B 196 -9.26 5.94 31.96
N TYR B 197 -9.47 5.20 30.87
CA TYR B 197 -8.71 5.39 29.62
C TYR B 197 -9.68 5.94 28.57
N ALA B 198 -9.33 7.06 27.96
CA ALA B 198 -10.24 7.75 27.05
C ALA B 198 -9.48 8.27 25.85
N CYS B 199 -10.14 8.24 24.70
CA CYS B 199 -9.65 8.90 23.49
CA CYS B 199 -9.61 8.99 23.56
C CYS B 199 -10.66 9.99 23.11
N GLU B 200 -10.20 11.21 22.86
CA GLU B 200 -11.04 12.37 22.54
C GLU B 200 -10.71 12.84 21.13
N VAL B 201 -11.74 12.96 20.29
CA VAL B 201 -11.54 13.17 18.85
C VAL B 201 -12.17 14.48 18.49
N THR B 202 -11.42 15.34 17.81
CA THR B 202 -11.94 16.61 17.26
C THR B 202 -11.82 16.49 15.74
N HIS B 203 -12.85 16.87 15.00
CA HIS B 203 -12.82 16.73 13.54
C HIS B 203 -13.86 17.70 12.99
N GLN B 204 -13.62 18.21 11.76
CA GLN B 204 -14.54 19.16 11.15
C GLN B 204 -15.95 18.63 10.99
N GLY B 205 -16.11 17.31 10.93
CA GLY B 205 -17.47 16.79 10.75
C GLY B 205 -18.21 16.58 12.05
N LEU B 206 -17.57 16.89 13.19
CA LEU B 206 -18.17 16.72 14.50
C LEU B 206 -18.54 18.08 15.09
N SER B 207 -19.79 18.21 15.57
CA SER B 207 -20.20 19.51 16.13
C SER B 207 -19.53 19.80 17.46
N SER B 208 -19.06 18.78 18.18
CA SER B 208 -18.28 18.95 19.39
C SER B 208 -17.46 17.67 19.54
N PRO B 209 -16.41 17.69 20.35
CA PRO B 209 -15.52 16.51 20.43
C PRO B 209 -16.24 15.28 20.95
N VAL B 210 -15.80 14.13 20.47
CA VAL B 210 -16.36 12.83 20.80
C VAL B 210 -15.35 12.11 21.68
N THR B 211 -15.80 11.59 22.82
CA THR B 211 -14.93 10.79 23.68
C THR B 211 -15.44 9.36 23.77
N LYS B 212 -14.55 8.40 23.59
CA LYS B 212 -14.81 6.99 23.91
C LYS B 212 -13.88 6.61 25.05
N SER B 213 -14.42 5.93 26.06
CA SER B 213 -13.61 5.63 27.24
C SER B 213 -14.05 4.31 27.86
N PHE B 214 -13.17 3.73 28.69
CA PHE B 214 -13.51 2.57 29.50
C PHE B 214 -12.76 2.66 30.82
N ASN B 215 -13.23 1.91 31.80
CA ASN B 215 -12.53 1.72 33.08
C ASN B 215 -11.74 0.42 33.04
N ARG B 216 -10.47 0.50 33.43
CA ARG B 216 -9.65 -0.70 33.49
C ARG B 216 -10.34 -1.74 34.36
N GLY B 217 -10.38 -2.98 33.87
CA GLY B 217 -11.01 -4.06 34.60
C GLY B 217 -12.51 -4.19 34.43
N GLU B 218 -13.21 -3.16 33.93
CA GLU B 218 -14.64 -3.32 33.62
C GLU B 218 -14.84 -4.26 32.43
N CYS B 219 -13.84 -4.34 31.54
CA CYS B 219 -13.88 -5.16 30.33
C CYS B 219 -12.98 -6.38 30.45
N PRO C 1 -10.61 -8.84 -27.10
CA PRO C 1 -9.43 -7.99 -26.92
C PRO C 1 -8.20 -8.48 -27.68
N PRO C 2 -7.70 -7.66 -28.61
CA PRO C 2 -6.48 -8.02 -29.33
C PRO C 2 -5.28 -8.00 -28.39
N PRO C 3 -4.14 -8.55 -28.80
CA PRO C 3 -2.95 -8.53 -27.92
C PRO C 3 -2.56 -7.12 -27.55
N PRO C 4 -2.06 -6.92 -26.33
CA PRO C 4 -1.66 -5.59 -25.93
C PRO C 4 -0.53 -5.05 -26.80
N ASN C 5 -0.54 -3.73 -27.01
CA ASN C 5 0.61 -3.06 -27.61
C ASN C 5 1.84 -3.20 -26.76
N ALA C 6 2.98 -3.16 -27.42
CA ALA C 6 4.25 -3.10 -26.72
C ALA C 6 4.42 -1.77 -26.00
N ASN C 7 5.15 -1.83 -24.89
CA ASN C 7 5.61 -0.61 -24.18
C ASN C 7 6.78 0.02 -24.90
N ASP C 8 7.49 -0.77 -25.70
CA ASP C 8 8.77 -0.37 -26.24
C ASP C 8 9.18 -1.46 -27.21
N PRO C 9 10.05 -1.16 -28.17
CA PRO C 9 10.37 -2.13 -29.22
C PRO C 9 11.22 -3.26 -28.69
N PRO C 10 11.01 -4.47 -29.16
CA PRO C 10 11.91 -5.56 -28.80
C PRO C 10 13.24 -5.37 -29.50
N PRO C 11 14.29 -5.97 -29.00
CA PRO C 11 15.57 -5.85 -29.62
C PRO C 11 15.61 -6.79 -30.81
N PRO C 12 16.45 -6.53 -31.78
CA PRO C 12 16.72 -7.55 -32.82
C PRO C 12 17.66 -8.64 -32.32
N ASN C 13 17.88 -9.64 -33.17
CA ASN C 13 18.98 -10.61 -32.98
C ASN C 13 19.01 -11.52 -34.19
C1 EDO D . 3.73 -6.04 -30.24
O1 EDO D . 2.29 -5.99 -30.37
C2 EDO D . 4.14 -7.37 -29.62
O2 EDO D . 3.55 -8.43 -30.36
C1 EDO E . 12.29 -16.70 -5.41
O1 EDO E . 13.21 -16.29 -4.39
C2 EDO E . 12.99 -16.52 -6.75
O2 EDO E . 14.07 -17.47 -6.82
C1 EDO F . 3.09 -17.56 -20.61
O1 EDO F . 1.74 -17.11 -20.80
C2 EDO F . 3.61 -18.17 -21.91
O2 EDO F . 3.47 -17.29 -23.02
C1 EDO G . -13.17 -1.96 1.30
O1 EDO G . -14.43 -2.23 1.93
C2 EDO G . -12.07 -1.60 2.31
O2 EDO G . -12.54 -0.66 3.28
C1 EDO H . 0.36 0.58 15.86
O1 EDO H . -0.02 1.45 14.77
C2 EDO H . -0.56 -0.66 15.90
O2 EDO H . -1.96 -0.21 15.91
C1 EDO I . 6.40 1.27 21.39
O1 EDO I . 5.38 0.25 21.36
C2 EDO I . 6.16 2.34 20.32
O2 EDO I . 7.36 3.09 20.00
C1 EDO J . 17.00 -17.41 -25.62
O1 EDO J . 17.72 -17.71 -24.41
C2 EDO J . 15.48 -17.52 -25.45
O2 EDO J . 15.08 -17.02 -24.16
C1 EDO K . 4.60 -5.74 -2.32
O1 EDO K . 4.74 -4.56 -3.11
C2 EDO K . 5.32 -5.48 -1.01
O2 EDO K . 5.17 -6.67 -0.26
C1 EDO L . 17.46 -20.32 -12.03
O1 EDO L . 16.41 -20.71 -11.13
C2 EDO L . 16.98 -19.15 -12.88
O2 EDO L . 18.06 -18.26 -13.25
C1 EDO M . 14.08 3.93 15.86
O1 EDO M . 13.41 2.70 15.56
C2 EDO M . 13.01 4.88 16.38
O2 EDO M . 12.01 5.02 15.37
C1 EDO N . 10.88 8.91 -11.25
O1 EDO N . 9.55 8.41 -11.39
C2 EDO N . 11.70 8.88 -12.52
O2 EDO N . 12.66 7.80 -12.39
C1 EDO O . 17.90 4.60 -6.20
O1 EDO O . 18.39 3.63 -7.13
C2 EDO O . 18.82 4.57 -4.99
O2 EDO O . 20.04 5.24 -5.30
C1 EDO P . 1.64 9.58 10.68
O1 EDO P . 1.95 9.86 12.07
C2 EDO P . 0.22 10.06 10.34
O2 EDO P . -0.04 9.89 8.93
C1 EDO Q . 4.45 12.30 -7.45
O1 EDO Q . 3.74 13.55 -7.25
C2 EDO Q . 4.10 11.23 -6.41
O2 EDO Q . 4.94 10.07 -6.68
C1 EDO R . -17.11 19.34 -2.09
O1 EDO R . -15.89 20.10 -2.13
C2 EDO R . -17.09 18.23 -3.15
O2 EDO R . -18.16 17.28 -2.96
C1 EDO S . 13.40 7.82 -35.26
O1 EDO S . 13.77 6.68 -34.49
C2 EDO S . 14.14 9.00 -34.66
O2 EDO S . 15.50 8.60 -34.73
C1 EDO T . 12.69 16.37 -33.44
O1 EDO T . 14.04 16.13 -32.91
C2 EDO T . 11.95 17.54 -32.75
O2 EDO T . 11.67 17.21 -31.39
C1 EDO U . 2.04 6.09 -31.42
O1 EDO U . 2.78 5.72 -32.57
C2 EDO U . 1.05 7.17 -31.85
O2 EDO U . 1.81 8.29 -32.30
C1 EDO V . -8.94 3.24 -14.75
O1 EDO V . -8.88 1.96 -14.12
C2 EDO V . -8.69 4.29 -13.68
O2 EDO V . -9.77 4.25 -12.73
C1 EDO W . 1.38 17.77 -30.48
O1 EDO W . 2.03 18.86 -31.16
C2 EDO W . 2.31 17.38 -29.34
O2 EDO W . 3.68 17.43 -29.77
C1 EDO X . -20.84 13.48 9.08
O1 EDO X . -20.84 12.16 8.52
C2 EDO X . -21.07 14.60 8.07
O2 EDO X . -20.66 15.85 8.66
C1 EDO Y . -15.66 20.82 16.93
O1 EDO Y . -15.29 20.65 18.31
C2 EDO Y . -14.91 19.83 16.04
O2 EDO Y . -14.95 18.50 16.59
C1 EDO Z . -18.79 6.11 8.81
O1 EDO Z . -18.29 4.94 9.49
C2 EDO Z . -18.02 7.35 9.26
O2 EDO Z . -18.22 8.47 8.40
C1 EDO AA . -19.80 9.11 4.54
O1 EDO AA . -19.44 9.07 5.93
C2 EDO AA . -18.83 8.24 3.75
O2 EDO AA . -18.75 6.91 4.30
C1 EDO BA . -18.95 8.46 17.27
O1 EDO BA . -18.84 7.22 16.55
C2 EDO BA . -18.48 9.63 16.42
O2 EDO BA . -19.32 9.87 15.27
C1 EDO CA . -8.40 5.23 -29.23
O1 EDO CA . -7.30 4.77 -30.04
C2 EDO CA . -8.19 4.83 -27.76
O2 EDO CA . -7.89 3.45 -27.64
C1 EDO DA . -3.66 -2.12 -26.88
O1 EDO DA . -2.80 -2.40 -25.77
C2 EDO DA . -5.06 -2.67 -26.60
O2 EDO DA . -5.02 -4.11 -26.55
#